data_5B5O
#
_entry.id   5B5O
#
_cell.length_a   136.409
_cell.length_b   36.060
_cell.length_c   95.948
_cell.angle_alpha   90.000
_cell.angle_beta   131.090
_cell.angle_gamma   90.000
#
_symmetry.space_group_name_H-M   'C 1 2 1'
#
loop_
_entity.id
_entity.type
_entity.pdbx_description
1 polymer 'Collagenase 3'
2 non-polymer 'ZINC ION'
3 non-polymer 'CALCIUM ION'
4 non-polymer 'SODIUM ION'
5 non-polymer 1,2-ETHANEDIOL
6 non-polymer N-phenyl-4-[(4H-1,2,4-triazol-3-ylsulfanyl)methyl]-1,3-thiazol-2-amine
7 water water
#
_entity_poly.entity_id   1
_entity_poly.type   'polypeptide(L)'
_entity_poly.pdbx_seq_one_letter_code
;EYNVFPRTLKWSKMNLTYRIVNYTPDMTHSEVEKAFKKAFKVWSDVTPLNFTRLHDGIADIMISFGIKEHGDFYPFDGPS
GLLAHAFPPGPNYGGDAHFDDDETWTSSSKGYNLFLVAAHEFGHSLGLDHSKDPGALMFPIYTYTGKSHFMLPDDDVQGI
QSLYGPGDEDPN
;
_entity_poly.pdbx_strand_id   A,B
#
# COMPACT_ATOMS: atom_id res chain seq x y z
N TYR A 2 -17.51 10.52 6.66
CA TYR A 2 -16.63 10.11 5.53
C TYR A 2 -15.18 10.33 5.91
N ASN A 3 -14.29 9.71 5.15
CA ASN A 3 -12.86 9.92 5.30
C ASN A 3 -12.20 9.97 3.93
N VAL A 4 -11.40 10.99 3.67
CA VAL A 4 -10.54 10.97 2.49
C VAL A 4 -9.22 10.28 2.89
N PHE A 5 -8.42 9.89 1.91
CA PHE A 5 -7.12 9.28 2.22
C PHE A 5 -6.15 10.28 2.87
N PRO A 6 -5.20 9.78 3.69
CA PRO A 6 -4.12 10.63 4.20
C PRO A 6 -3.35 11.36 3.09
N ARG A 7 -2.89 12.57 3.40
CA ARG A 7 -2.14 13.41 2.46
C ARG A 7 -0.75 12.86 2.20
N THR A 8 -0.22 12.14 3.19
CA THR A 8 1.11 11.59 3.12
C THR A 8 1.05 10.13 3.55
N LEU A 9 1.89 9.31 2.92
CA LEU A 9 1.94 7.88 3.20
C LEU A 9 2.63 7.58 4.52
N LYS A 10 1.94 6.88 5.42
CA LYS A 10 2.47 6.58 6.75
C LYS A 10 1.59 5.53 7.39
N TRP A 11 2.08 4.89 8.43
CA TRP A 11 1.25 4.02 9.25
C TRP A 11 0.23 4.83 10.02
N SER A 12 -1.00 4.30 10.08
CA SER A 12 -2.10 4.99 10.74
C SER A 12 -2.21 4.60 12.21
N LYS A 13 -1.19 3.90 12.70
CA LYS A 13 -1.14 3.43 14.08
C LYS A 13 0.30 3.59 14.56
N MET A 14 0.49 3.75 15.87
CA MET A 14 1.82 3.95 16.45
C MET A 14 2.47 2.65 16.91
N ASN A 15 1.65 1.61 17.14
CA ASN A 15 2.17 0.30 17.53
C ASN A 15 2.36 -0.58 16.31
N LEU A 16 3.61 -0.89 15.98
CA LEU A 16 3.93 -1.70 14.83
C LEU A 16 4.61 -2.98 15.26
N THR A 17 4.38 -4.05 14.49
CA THR A 17 5.05 -5.31 14.76
C THR A 17 6.04 -5.63 13.66
N TYR A 18 7.06 -6.40 14.02
CA TYR A 18 7.98 -6.95 13.03
C TYR A 18 8.25 -8.42 13.31
N ARG A 19 8.63 -9.15 12.27
CA ARG A 19 8.96 -10.55 12.39
C ARG A 19 10.20 -10.81 11.58
N ILE A 20 11.19 -11.47 12.19
CA ILE A 20 12.37 -11.93 11.46
C ILE A 20 12.03 -13.34 10.93
N VAL A 21 11.69 -13.40 9.65
CA VAL A 21 11.18 -14.63 9.05
C VAL A 21 12.27 -15.68 8.89
N ASN A 22 13.47 -15.24 8.55
CA ASN A 22 14.60 -16.15 8.41
C ASN A 22 15.87 -15.38 8.68
N TYR A 23 17.00 -16.09 8.63
CA TYR A 23 18.25 -15.55 9.14
C TYR A 23 19.40 -15.79 8.17
N THR A 24 20.30 -14.81 8.09
CA THR A 24 21.51 -14.95 7.29
C THR A 24 22.46 -15.99 7.89
N PRO A 25 23.22 -16.72 7.05
CA PRO A 25 24.28 -17.58 7.58
C PRO A 25 25.38 -16.82 8.33
N ASP A 26 25.54 -15.53 8.06
CA ASP A 26 26.75 -14.78 8.41
C ASP A 26 26.88 -14.40 9.87
N MET A 27 25.77 -14.37 10.60
CA MET A 27 25.73 -13.83 11.96
C MET A 27 24.92 -14.75 12.82
N THR A 28 25.12 -14.71 14.13
CA THR A 28 24.28 -15.54 15.01
C THR A 28 22.86 -14.98 15.05
N HIS A 29 21.90 -15.80 15.48
N HIS A 29 21.90 -15.78 15.50
CA HIS A 29 20.53 -15.32 15.66
CA HIS A 29 20.54 -15.27 15.67
C HIS A 29 20.50 -14.10 16.59
C HIS A 29 20.55 -14.05 16.57
N SER A 30 21.27 -14.14 17.68
CA SER A 30 21.34 -13.04 18.64
CA SER A 30 21.33 -13.04 18.64
C SER A 30 21.88 -11.75 18.02
N GLU A 31 22.94 -11.86 17.23
CA GLU A 31 23.50 -10.70 16.56
C GLU A 31 22.50 -10.06 15.61
N VAL A 32 21.78 -10.89 14.86
CA VAL A 32 20.77 -10.39 13.93
C VAL A 32 19.63 -9.69 14.68
N GLU A 33 19.15 -10.34 15.74
CA GLU A 33 18.10 -9.77 16.55
C GLU A 33 18.50 -8.43 17.17
N LYS A 34 19.72 -8.36 17.69
CA LYS A 34 20.22 -7.13 18.28
C LYS A 34 20.35 -6.01 17.24
N ALA A 35 20.81 -6.35 16.05
CA ALA A 35 20.96 -5.36 15.00
C ALA A 35 19.60 -4.78 14.63
N PHE A 36 18.59 -5.63 14.43
CA PHE A 36 17.26 -5.13 14.07
C PHE A 36 16.62 -4.35 15.21
N LYS A 37 16.77 -4.85 16.44
CA LYS A 37 16.23 -4.13 17.60
C LYS A 37 16.81 -2.72 17.69
N LYS A 38 18.12 -2.60 17.50
CA LYS A 38 18.78 -1.29 17.55
C LYS A 38 18.34 -0.39 16.38
N ALA A 39 18.18 -0.98 15.21
CA ALA A 39 17.70 -0.23 14.05
C ALA A 39 16.28 0.33 14.25
N PHE A 40 15.38 -0.43 14.85
CA PHE A 40 14.07 0.11 15.19
C PHE A 40 14.15 1.21 16.24
N LYS A 41 15.04 1.05 17.22
CA LYS A 41 15.21 2.02 18.29
C LYS A 41 15.68 3.39 17.75
N VAL A 42 16.45 3.39 16.67
CA VAL A 42 16.82 4.63 16.01
C VAL A 42 15.58 5.51 15.76
N TRP A 43 14.51 4.87 15.27
CA TRP A 43 13.31 5.57 14.88
C TRP A 43 12.34 5.79 16.04
N SER A 44 12.18 4.79 16.92
CA SER A 44 11.29 4.96 18.04
C SER A 44 11.80 6.00 19.03
N ASP A 45 13.12 6.20 19.10
CA ASP A 45 13.67 7.18 20.03
C ASP A 45 13.24 8.60 19.70
N VAL A 46 12.88 8.87 18.45
CA VAL A 46 12.59 10.24 18.01
C VAL A 46 11.15 10.45 17.54
N THR A 47 10.27 9.48 17.82
CA THR A 47 8.86 9.54 17.42
C THR A 47 8.02 8.93 18.55
N PRO A 48 6.68 8.86 18.39
CA PRO A 48 5.86 8.08 19.33
C PRO A 48 5.71 6.62 18.92
N LEU A 49 6.47 6.16 17.92
CA LEU A 49 6.32 4.78 17.45
C LEU A 49 6.81 3.75 18.45
N ASN A 50 6.12 2.60 18.49
CA ASN A 50 6.54 1.46 19.31
C ASN A 50 6.67 0.25 18.42
N PHE A 51 7.74 -0.53 18.61
CA PHE A 51 7.96 -1.74 17.80
C PHE A 51 7.99 -2.98 18.69
N THR A 52 7.21 -3.99 18.31
CA THR A 52 7.18 -5.25 19.05
C THR A 52 7.51 -6.40 18.10
N ARG A 53 8.41 -7.27 18.53
CA ARG A 53 8.76 -8.42 17.74
C ARG A 53 7.77 -9.56 17.90
N LEU A 54 7.40 -10.16 16.77
CA LEU A 54 6.63 -11.41 16.74
C LEU A 54 7.52 -12.53 16.26
N HIS A 55 7.37 -13.72 16.85
CA HIS A 55 8.17 -14.85 16.42
C HIS A 55 7.58 -15.57 15.22
N ASP A 56 6.26 -15.44 15.04
CA ASP A 56 5.53 -16.14 14.00
C ASP A 56 4.31 -15.32 13.61
N GLY A 57 3.61 -15.77 12.57
CA GLY A 57 2.41 -15.10 12.13
C GLY A 57 2.67 -13.83 11.33
N ILE A 58 1.64 -13.03 11.15
CA ILE A 58 1.74 -11.86 10.31
C ILE A 58 2.07 -10.63 11.14
N ALA A 59 3.19 -10.00 10.81
CA ALA A 59 3.61 -8.74 11.40
C ALA A 59 3.48 -7.65 10.37
N ASP A 60 3.46 -6.40 10.81
CA ASP A 60 3.43 -5.28 9.85
C ASP A 60 4.69 -5.28 8.98
N ILE A 61 5.85 -5.40 9.62
CA ILE A 61 7.13 -5.36 8.93
C ILE A 61 7.73 -6.76 8.95
N MET A 62 7.60 -7.46 7.83
CA MET A 62 8.17 -8.79 7.70
C MET A 62 9.57 -8.66 7.15
N ILE A 63 10.53 -9.26 7.84
CA ILE A 63 11.94 -9.13 7.51
C ILE A 63 12.46 -10.47 7.02
N SER A 64 13.18 -10.46 5.90
CA SER A 64 13.75 -11.71 5.40
C SER A 64 15.03 -11.50 4.63
N PHE A 65 15.79 -12.58 4.53
CA PHE A 65 17.01 -12.68 3.75
C PHE A 65 16.73 -13.60 2.57
N GLY A 66 17.11 -13.17 1.37
CA GLY A 66 16.85 -13.95 0.17
C GLY A 66 17.86 -13.62 -0.89
N ILE A 67 17.85 -14.40 -1.97
CA ILE A 67 18.74 -14.16 -3.10
C ILE A 67 17.95 -14.16 -4.40
N LYS A 68 18.48 -13.46 -5.40
CA LYS A 68 17.90 -13.49 -6.76
C LYS A 68 16.39 -13.26 -6.69
N GLU A 69 15.60 -14.10 -7.36
CA GLU A 69 14.13 -13.97 -7.29
C GLU A 69 13.62 -14.52 -5.99
N HIS A 70 12.96 -13.69 -5.21
CA HIS A 70 12.56 -14.07 -3.86
C HIS A 70 11.12 -13.68 -3.52
N GLY A 71 10.32 -13.34 -4.54
CA GLY A 71 8.88 -13.20 -4.35
C GLY A 71 8.31 -11.81 -4.58
N ASP A 72 9.00 -10.97 -5.34
CA ASP A 72 8.52 -9.61 -5.64
C ASP A 72 9.10 -9.11 -6.96
N PHE A 73 8.87 -7.85 -7.28
CA PHE A 73 9.36 -7.27 -8.53
C PHE A 73 10.78 -6.71 -8.43
N TYR A 74 11.49 -7.05 -7.35
CA TYR A 74 12.80 -6.46 -7.07
C TYR A 74 13.82 -7.56 -6.80
N PRO A 75 14.12 -8.40 -7.81
CA PRO A 75 15.07 -9.49 -7.57
C PRO A 75 16.45 -8.96 -7.22
N PHE A 76 17.12 -9.69 -6.34
CA PHE A 76 18.51 -9.38 -6.04
C PHE A 76 19.43 -9.87 -7.16
N ASP A 77 20.71 -9.53 -7.04
CA ASP A 77 21.62 -9.55 -8.18
C ASP A 77 22.95 -10.23 -7.87
N GLY A 78 22.98 -11.09 -6.85
CA GLY A 78 24.23 -11.72 -6.44
C GLY A 78 25.12 -10.77 -5.66
N PRO A 79 26.40 -11.15 -5.46
CA PRO A 79 27.29 -10.28 -4.67
C PRO A 79 27.43 -8.86 -5.21
N SER A 80 27.59 -7.91 -4.29
CA SER A 80 27.68 -6.47 -4.56
CA SER A 80 27.72 -6.48 -4.63
C SER A 80 26.43 -5.93 -5.27
N GLY A 81 26.48 -4.69 -5.73
CA GLY A 81 25.33 -4.04 -6.34
C GLY A 81 24.24 -3.77 -5.32
N LEU A 82 23.04 -4.28 -5.61
CA LEU A 82 21.91 -4.19 -4.69
C LEU A 82 22.20 -4.91 -3.38
N LEU A 83 21.83 -4.29 -2.27
CA LEU A 83 22.07 -4.89 -0.96
C LEU A 83 20.80 -5.27 -0.23
N ALA A 84 19.74 -4.49 -0.40
CA ALA A 84 18.52 -4.62 0.38
C ALA A 84 17.48 -3.70 -0.23
N HIS A 85 16.23 -3.92 0.14
CA HIS A 85 15.18 -2.94 -0.17
C HIS A 85 14.02 -3.14 0.80
N ALA A 86 13.19 -2.10 0.94
CA ALA A 86 12.02 -2.14 1.80
C ALA A 86 10.89 -1.39 1.16
N PHE A 87 9.66 -1.78 1.50
CA PHE A 87 8.48 -1.22 0.88
C PHE A 87 7.88 -0.18 1.79
N PRO A 88 7.30 0.88 1.21
CA PRO A 88 6.64 1.91 2.01
C PRO A 88 5.43 1.37 2.78
N PRO A 89 4.96 2.13 3.77
CA PRO A 89 3.80 1.67 4.55
C PRO A 89 2.61 1.28 3.69
N GLY A 90 1.97 0.18 4.07
CA GLY A 90 0.80 -0.31 3.38
C GLY A 90 0.57 -1.76 3.72
N PRO A 91 -0.50 -2.35 3.16
CA PRO A 91 -0.83 -3.76 3.42
C PRO A 91 0.14 -4.71 2.71
N ASN A 92 0.12 -5.99 3.12
CA ASN A 92 0.90 -7.05 2.47
C ASN A 92 2.39 -6.74 2.51
N TYR A 93 3.00 -6.60 1.35
N TYR A 93 3.05 -6.65 1.36
CA TYR A 93 4.42 -6.34 1.27
CA TYR A 93 4.49 -6.34 1.33
C TYR A 93 4.81 -4.94 1.79
C TYR A 93 4.81 -4.97 1.93
N GLY A 94 3.83 -4.06 1.98
CA GLY A 94 4.07 -2.74 2.57
C GLY A 94 4.81 -2.89 3.90
N GLY A 95 5.83 -2.06 4.09
CA GLY A 95 6.64 -2.13 5.31
C GLY A 95 7.73 -3.17 5.32
N ASP A 96 7.63 -4.21 4.49
CA ASP A 96 8.55 -5.34 4.59
C ASP A 96 9.95 -4.97 4.14
N ALA A 97 10.94 -5.65 4.69
CA ALA A 97 12.35 -5.37 4.40
C ALA A 97 13.04 -6.65 4.01
N HIS A 98 13.74 -6.60 2.88
CA HIS A 98 14.45 -7.75 2.32
C HIS A 98 15.92 -7.45 2.20
N PHE A 99 16.78 -8.41 2.58
CA PHE A 99 18.23 -8.29 2.57
C PHE A 99 18.82 -9.35 1.67
N ASP A 100 19.75 -8.96 0.83
CA ASP A 100 20.35 -9.85 -0.16
C ASP A 100 21.36 -10.76 0.54
N ASP A 101 21.04 -12.05 0.57
CA ASP A 101 21.92 -12.98 1.25
C ASP A 101 23.08 -13.48 0.39
N ASP A 102 23.33 -12.82 -0.74
CA ASP A 102 24.61 -12.94 -1.43
C ASP A 102 25.61 -11.88 -0.96
N GLU A 103 25.21 -11.00 -0.05
CA GLU A 103 26.15 -10.08 0.62
C GLU A 103 26.65 -10.66 1.91
N THR A 104 27.77 -10.15 2.41
CA THR A 104 28.26 -10.51 3.74
C THR A 104 27.77 -9.50 4.78
N TRP A 105 26.89 -9.95 5.67
CA TRP A 105 26.30 -9.12 6.71
C TRP A 105 27.09 -9.27 7.98
N THR A 106 27.36 -8.16 8.67
CA THR A 106 28.19 -8.20 9.87
C THR A 106 27.65 -7.32 10.99
N SER A 107 28.25 -7.49 12.16
CA SER A 107 28.13 -6.57 13.29
C SER A 107 29.44 -5.81 13.49
N SER A 108 30.14 -5.52 12.40
CA SER A 108 31.44 -4.84 12.48
C SER A 108 31.54 -3.84 11.34
N SER A 109 32.77 -3.36 11.09
CA SER A 109 33.06 -2.51 9.93
C SER A 109 33.27 -3.29 8.65
N LYS A 110 33.36 -4.61 8.77
CA LYS A 110 33.59 -5.47 7.62
C LYS A 110 32.29 -5.71 6.86
N GLY A 111 32.39 -6.12 5.60
CA GLY A 111 31.20 -6.39 4.78
C GLY A 111 30.23 -5.23 4.83
N TYR A 112 28.95 -5.54 5.00
CA TYR A 112 27.94 -4.53 5.24
C TYR A 112 27.39 -4.69 6.64
N ASN A 113 27.42 -3.61 7.40
CA ASN A 113 26.90 -3.62 8.76
C ASN A 113 25.37 -3.71 8.72
N LEU A 114 24.85 -4.80 9.28
CA LEU A 114 23.42 -5.07 9.19
C LEU A 114 22.60 -3.99 9.90
N PHE A 115 23.03 -3.59 11.09
CA PHE A 115 22.35 -2.51 11.80
C PHE A 115 22.16 -1.26 10.94
N LEU A 116 23.24 -0.81 10.31
CA LEU A 116 23.18 0.45 9.56
C LEU A 116 22.27 0.32 8.35
N VAL A 117 22.41 -0.77 7.59
CA VAL A 117 21.55 -0.96 6.43
C VAL A 117 20.10 -1.12 6.85
N ALA A 118 19.86 -1.88 7.91
CA ALA A 118 18.49 -2.05 8.40
C ALA A 118 17.89 -0.72 8.86
N ALA A 119 18.69 0.12 9.52
CA ALA A 119 18.16 1.39 9.98
C ALA A 119 17.69 2.22 8.78
N HIS A 120 18.48 2.24 7.72
CA HIS A 120 18.08 2.89 6.47
C HIS A 120 16.79 2.29 5.89
N GLU A 121 16.76 0.96 5.76
CA GLU A 121 15.60 0.29 5.16
C GLU A 121 14.34 0.52 5.99
N PHE A 122 14.46 0.50 7.32
CA PHE A 122 13.30 0.74 8.14
C PHE A 122 12.80 2.17 7.99
N GLY A 123 13.67 3.11 7.63
CA GLY A 123 13.19 4.45 7.25
C GLY A 123 12.19 4.37 6.11
N HIS A 124 12.49 3.56 5.09
CA HIS A 124 11.52 3.31 4.02
C HIS A 124 10.26 2.63 4.53
N SER A 125 10.42 1.61 5.36
CA SER A 125 9.27 0.90 5.94
C SER A 125 8.31 1.85 6.63
N LEU A 126 8.83 2.97 7.13
CA LEU A 126 8.05 3.95 7.87
C LEU A 126 7.56 5.13 7.05
N GLY A 127 8.05 5.26 5.82
CA GLY A 127 7.56 6.30 4.91
C GLY A 127 8.55 7.35 4.45
N LEU A 128 9.84 7.19 4.75
CA LEU A 128 10.86 8.07 4.19
C LEU A 128 11.38 7.53 2.89
N ASP A 129 11.56 8.42 1.92
CA ASP A 129 12.27 8.10 0.70
C ASP A 129 13.72 8.58 0.88
N HIS A 130 14.48 8.70 -0.19
CA HIS A 130 15.88 9.09 -0.09
C HIS A 130 16.08 10.57 0.14
N SER A 131 17.18 10.90 0.81
CA SER A 131 17.59 12.27 1.09
C SER A 131 18.73 12.71 0.20
N LYS A 132 18.84 14.01 -0.06
CA LYS A 132 20.01 14.54 -0.79
C LYS A 132 21.19 14.92 0.12
N ASP A 133 21.00 14.85 1.44
CA ASP A 133 22.08 15.14 2.39
C ASP A 133 23.05 13.95 2.47
N PRO A 134 24.32 14.12 2.02
CA PRO A 134 25.27 13.01 2.00
C PRO A 134 25.52 12.39 3.38
N GLY A 135 25.24 13.18 4.42
CA GLY A 135 25.40 12.72 5.79
C GLY A 135 24.15 12.10 6.41
N ALA A 136 23.02 12.10 5.67
CA ALA A 136 21.77 11.52 6.19
C ALA A 136 21.79 10.00 6.15
N LEU A 137 21.12 9.37 7.11
CA LEU A 137 20.92 7.94 7.05
C LEU A 137 20.17 7.51 5.78
N MET A 138 19.24 8.36 5.34
CA MET A 138 18.46 8.06 4.16
C MET A 138 19.15 8.42 2.83
N PHE A 139 20.40 8.86 2.88
CA PHE A 139 21.20 9.06 1.66
C PHE A 139 21.35 7.70 0.98
N PRO A 140 21.20 7.66 -0.36
CA PRO A 140 21.13 6.37 -1.04
C PRO A 140 22.46 5.69 -1.41
N ILE A 141 23.48 5.83 -0.58
CA ILE A 141 24.69 5.01 -0.78
C ILE A 141 25.23 4.66 0.60
N TYR A 142 25.58 3.39 0.74
CA TYR A 142 26.10 2.88 2.02
C TYR A 142 27.39 3.53 2.44
N THR A 143 27.45 3.99 3.69
CA THR A 143 28.73 4.29 4.35
C THR A 143 28.74 3.73 5.76
N TYR A 144 29.89 3.28 6.20
CA TYR A 144 30.04 2.79 7.56
C TYR A 144 30.34 3.92 8.53
N THR A 145 29.62 3.93 9.65
CA THR A 145 29.91 4.81 10.77
CA THR A 145 29.95 4.81 10.77
C THR A 145 30.09 3.97 12.04
N GLY A 146 31.16 4.23 12.78
CA GLY A 146 31.48 3.46 13.98
C GLY A 146 30.61 3.79 15.17
N PHE A 150 25.44 5.51 18.02
CA PHE A 150 24.96 6.05 16.75
C PHE A 150 24.05 7.24 16.98
N MET A 151 24.22 8.27 16.15
CA MET A 151 23.36 9.44 16.24
C MET A 151 22.63 9.67 14.92
N LEU A 152 21.31 9.49 14.95
CA LEU A 152 20.47 9.76 13.78
C LEU A 152 20.66 11.21 13.33
N PRO A 153 21.12 11.41 12.08
CA PRO A 153 21.32 12.78 11.60
C PRO A 153 20.04 13.61 11.59
N ASP A 154 20.21 14.92 11.70
CA ASP A 154 19.06 15.80 11.81
C ASP A 154 18.11 15.74 10.62
N ASP A 155 18.61 15.57 9.40
CA ASP A 155 17.72 15.50 8.25
C ASP A 155 16.70 14.35 8.42
N ASP A 156 17.18 13.21 8.92
CA ASP A 156 16.33 12.04 9.13
C ASP A 156 15.36 12.28 10.29
N VAL A 157 15.82 12.96 11.34
CA VAL A 157 14.92 13.34 12.44
C VAL A 157 13.79 14.22 11.92
N GLN A 158 14.14 15.25 11.16
CA GLN A 158 13.10 16.14 10.63
C GLN A 158 12.13 15.39 9.74
N GLY A 159 12.65 14.47 8.92
CA GLY A 159 11.78 13.72 8.03
C GLY A 159 10.82 12.81 8.77
N ILE A 160 11.36 12.00 9.69
CA ILE A 160 10.47 11.06 10.37
C ILE A 160 9.45 11.80 11.26
N GLN A 161 9.88 12.90 11.88
CA GLN A 161 8.96 13.67 12.73
C GLN A 161 7.89 14.38 11.91
N SER A 162 8.17 14.67 10.65
CA SER A 162 7.15 15.27 9.79
C SER A 162 5.99 14.31 9.56
N LEU A 163 6.26 13.02 9.65
CA LEU A 163 5.25 11.99 9.51
C LEU A 163 4.53 11.64 10.80
N TYR A 164 5.29 11.47 11.88
CA TYR A 164 4.77 10.86 13.12
C TYR A 164 4.78 11.77 14.33
N GLY A 165 5.36 12.96 14.22
CA GLY A 165 5.62 13.78 15.39
C GLY A 165 6.81 13.26 16.19
N PRO A 166 7.22 14.01 17.21
CA PRO A 166 8.41 13.67 17.98
C PRO A 166 8.22 12.67 19.12
N GLY A 167 6.99 12.33 19.47
CA GLY A 167 6.75 11.66 20.75
C GLY A 167 7.30 12.53 21.88
N ASP A 168 7.77 11.89 22.94
CA ASP A 168 8.32 12.60 24.08
C ASP A 168 9.64 13.21 23.64
N GLU A 169 9.75 14.53 23.75
CA GLU A 169 10.92 15.25 23.24
C GLU A 169 12.11 15.11 24.17
N ASP A 170 11.88 14.65 25.39
CA ASP A 170 12.94 14.38 26.35
C ASP A 170 12.65 13.11 27.17
N PRO A 171 12.85 11.92 26.57
CA PRO A 171 12.58 10.66 27.25
C PRO A 171 13.80 10.13 28.01
N TYR B 2 15.30 15.84 3.25
CA TYR B 2 14.62 14.51 3.29
C TYR B 2 13.53 14.48 2.26
N ASN B 3 13.01 13.27 1.99
CA ASN B 3 11.83 13.13 1.17
C ASN B 3 10.88 12.14 1.80
N VAL B 4 9.60 12.37 1.62
CA VAL B 4 8.58 11.38 1.95
C VAL B 4 8.02 10.81 0.64
N PHE B 5 7.08 9.87 0.77
CA PHE B 5 6.28 9.38 -0.36
C PHE B 5 4.93 10.15 -0.33
N PRO B 6 4.79 11.22 -1.13
CA PRO B 6 3.52 11.96 -1.11
C PRO B 6 2.37 11.21 -1.82
N ARG B 7 1.15 11.44 -1.36
CA ARG B 7 -0.05 10.82 -1.95
C ARG B 7 -0.83 11.84 -2.77
N THR B 8 -1.35 11.39 -3.92
CA THR B 8 -2.16 12.24 -4.77
C THR B 8 -3.56 12.29 -4.15
N LEU B 9 -3.95 13.46 -3.65
CA LEU B 9 -5.21 13.59 -2.90
C LEU B 9 -6.44 13.45 -3.79
N LYS B 10 -6.31 13.86 -5.04
CA LYS B 10 -7.42 13.83 -5.98
C LYS B 10 -6.88 13.90 -7.39
N TRP B 11 -7.68 13.47 -8.36
CA TRP B 11 -7.33 13.63 -9.75
C TRP B 11 -7.29 15.12 -10.07
N SER B 12 -6.27 15.52 -10.81
CA SER B 12 -6.04 16.92 -11.18
CA SER B 12 -6.10 16.94 -11.14
C SER B 12 -6.73 17.31 -12.48
N LYS B 13 -7.39 16.34 -13.11
CA LYS B 13 -8.21 16.59 -14.28
C LYS B 13 -9.60 16.03 -14.01
N MET B 14 -10.60 16.65 -14.62
CA MET B 14 -11.98 16.21 -14.40
C MET B 14 -12.43 15.14 -15.41
N ASN B 15 -11.77 15.06 -16.55
CA ASN B 15 -12.12 14.05 -17.55
C ASN B 15 -11.21 12.84 -17.43
N LEU B 16 -11.79 11.75 -16.92
CA LEU B 16 -11.05 10.52 -16.69
C LEU B 16 -11.46 9.44 -17.67
N THR B 17 -10.55 8.53 -17.98
CA THR B 17 -10.88 7.41 -18.83
C THR B 17 -10.80 6.10 -18.07
N TYR B 18 -11.53 5.11 -18.54
CA TYR B 18 -11.45 3.77 -17.99
C TYR B 18 -11.43 2.75 -19.10
N ARG B 19 -10.94 1.56 -18.79
CA ARG B 19 -10.93 0.45 -19.75
C ARG B 19 -11.30 -0.81 -19.00
N ILE B 20 -12.24 -1.57 -19.57
CA ILE B 20 -12.57 -2.89 -19.06
C ILE B 20 -11.64 -3.88 -19.78
N VAL B 21 -10.61 -4.33 -19.09
CA VAL B 21 -9.57 -5.12 -19.72
C VAL B 21 -10.05 -6.52 -20.07
N ASN B 22 -10.83 -7.12 -19.16
CA ASN B 22 -11.37 -8.46 -19.36
C ASN B 22 -12.68 -8.56 -18.58
N TYR B 23 -13.33 -9.73 -18.68
CA TYR B 23 -14.71 -9.88 -18.25
C TYR B 23 -14.88 -11.14 -17.41
N THR B 24 -15.72 -11.03 -16.38
CA THR B 24 -16.07 -12.18 -15.57
C THR B 24 -16.92 -13.18 -16.34
N PRO B 25 -16.78 -14.48 -16.03
CA PRO B 25 -17.70 -15.46 -16.62
C PRO B 25 -19.16 -15.28 -16.16
N ASP B 26 -19.36 -14.58 -15.04
CA ASP B 26 -20.61 -14.68 -14.30
C ASP B 26 -21.77 -13.87 -14.87
N MET B 27 -21.46 -12.91 -15.73
CA MET B 27 -22.42 -11.94 -16.25
C MET B 27 -22.15 -11.74 -17.73
N THR B 28 -23.15 -11.31 -18.50
CA THR B 28 -22.89 -11.01 -19.91
C THR B 28 -22.00 -9.78 -20.05
N HIS B 29 -21.37 -9.61 -21.20
CA HIS B 29 -20.59 -8.40 -21.43
C HIS B 29 -21.45 -7.15 -21.19
N SER B 30 -22.68 -7.17 -21.72
CA SER B 30 -23.60 -6.04 -21.58
CA SER B 30 -23.58 -6.04 -21.58
C SER B 30 -23.88 -5.72 -20.12
N GLU B 31 -24.13 -6.76 -19.32
CA GLU B 31 -24.40 -6.56 -17.90
C GLU B 31 -23.20 -5.96 -17.17
N VAL B 32 -21.99 -6.42 -17.51
CA VAL B 32 -20.78 -5.90 -16.89
C VAL B 32 -20.58 -4.43 -17.26
N GLU B 33 -20.73 -4.12 -18.54
CA GLU B 33 -20.58 -2.74 -19.03
C GLU B 33 -21.58 -1.81 -18.35
N LYS B 34 -22.81 -2.28 -18.22
CA LYS B 34 -23.86 -1.49 -17.59
C LYS B 34 -23.57 -1.24 -16.10
N ALA B 35 -23.08 -2.28 -15.42
CA ALA B 35 -22.74 -2.15 -14.01
C ALA B 35 -21.64 -1.10 -13.78
N PHE B 36 -20.57 -1.17 -14.57
CA PHE B 36 -19.49 -0.21 -14.42
C PHE B 36 -19.91 1.21 -14.83
N LYS B 37 -20.70 1.33 -15.91
CA LYS B 37 -21.20 2.64 -16.34
C LYS B 37 -22.02 3.29 -15.23
N LYS B 38 -22.93 2.53 -14.65
CA LYS B 38 -23.74 3.02 -13.56
C LYS B 38 -22.91 3.36 -12.31
N ALA B 39 -21.89 2.55 -12.01
CA ALA B 39 -21.02 2.82 -10.88
C ALA B 39 -20.24 4.12 -11.04
N PHE B 40 -19.77 4.44 -12.24
CA PHE B 40 -19.14 5.74 -12.46
C PHE B 40 -20.14 6.90 -12.35
N LYS B 41 -21.36 6.66 -12.83
CA LYS B 41 -22.41 7.68 -12.83
C LYS B 41 -22.79 8.10 -11.41
N VAL B 42 -22.68 7.19 -10.45
CA VAL B 42 -22.89 7.51 -9.04
C VAL B 42 -22.08 8.75 -8.66
N TRP B 43 -20.82 8.77 -9.10
CA TRP B 43 -19.87 9.80 -8.72
C TRP B 43 -19.90 11.01 -9.65
N SER B 44 -20.05 10.77 -10.94
CA SER B 44 -20.16 11.91 -11.88
C SER B 44 -21.45 12.71 -11.71
N ASP B 45 -22.50 12.08 -11.19
CA ASP B 45 -23.77 12.79 -10.96
C ASP B 45 -23.68 13.87 -9.90
N VAL B 46 -22.66 13.82 -9.02
CA VAL B 46 -22.58 14.74 -7.88
C VAL B 46 -21.26 15.54 -7.84
N THR B 47 -20.50 15.49 -8.93
CA THR B 47 -19.22 16.21 -9.03
C THR B 47 -19.03 16.69 -10.47
N PRO B 48 -17.95 17.46 -10.74
CA PRO B 48 -17.63 17.78 -12.13
C PRO B 48 -16.92 16.66 -12.91
N LEU B 49 -16.70 15.51 -12.29
CA LEU B 49 -15.98 14.40 -12.93
C LEU B 49 -16.77 13.83 -14.10
N ASN B 50 -16.06 13.48 -15.17
CA ASN B 50 -16.64 12.78 -16.32
C ASN B 50 -15.81 11.53 -16.61
N PHE B 51 -16.48 10.47 -17.05
CA PHE B 51 -15.82 9.19 -17.33
C PHE B 51 -16.12 8.73 -18.75
N THR B 52 -15.05 8.42 -19.49
CA THR B 52 -15.09 7.95 -20.88
C THR B 52 -14.44 6.58 -20.97
N ARG B 53 -15.08 5.65 -21.66
CA ARG B 53 -14.53 4.32 -21.84
C ARG B 53 -13.59 4.25 -23.06
N LEU B 54 -12.41 3.66 -22.86
CA LEU B 54 -11.48 3.34 -23.94
C LEU B 54 -11.48 1.85 -24.12
N HIS B 55 -11.34 1.39 -25.36
CA HIS B 55 -11.27 -0.04 -25.64
C HIS B 55 -9.86 -0.58 -25.72
N ASP B 56 -8.91 0.31 -25.95
CA ASP B 56 -7.53 -0.10 -26.15
C ASP B 56 -6.57 0.85 -25.49
N GLY B 57 -5.36 0.36 -25.23
CA GLY B 57 -4.30 1.17 -24.67
C GLY B 57 -4.48 1.47 -23.20
N ILE B 58 -3.75 2.45 -22.73
CA ILE B 58 -3.80 2.84 -21.34
C ILE B 58 -4.94 3.82 -21.06
N ALA B 59 -5.67 3.55 -19.98
CA ALA B 59 -6.72 4.43 -19.47
C ALA B 59 -6.38 4.78 -18.03
N ASP B 60 -6.94 5.86 -17.50
CA ASP B 60 -6.67 6.20 -16.10
C ASP B 60 -7.06 5.09 -15.13
N ILE B 61 -8.28 4.59 -15.29
CA ILE B 61 -8.80 3.54 -14.42
C ILE B 61 -8.87 2.23 -15.20
N MET B 62 -7.88 1.37 -14.98
CA MET B 62 -7.87 0.08 -15.64
C MET B 62 -8.63 -0.91 -14.77
N ILE B 63 -9.64 -1.55 -15.35
CA ILE B 63 -10.52 -2.46 -14.61
C ILE B 63 -10.27 -3.88 -15.08
N SER B 64 -10.10 -4.83 -14.15
CA SER B 64 -9.90 -6.22 -14.55
C SER B 64 -10.40 -7.17 -13.49
N PHE B 65 -10.60 -8.41 -13.93
CA PHE B 65 -11.01 -9.53 -13.10
C PHE B 65 -9.83 -10.50 -13.07
N GLY B 66 -9.53 -11.00 -11.89
CA GLY B 66 -8.38 -11.91 -11.75
C GLY B 66 -8.56 -12.74 -10.50
N ILE B 67 -7.73 -13.76 -10.33
CA ILE B 67 -7.74 -14.60 -9.15
C ILE B 67 -6.33 -14.76 -8.60
N LYS B 68 -6.26 -15.09 -7.32
CA LYS B 68 -4.99 -15.42 -6.67
C LYS B 68 -3.95 -14.35 -7.00
N GLU B 69 -2.72 -14.74 -7.36
CA GLU B 69 -1.70 -13.75 -7.71
C GLU B 69 -1.93 -13.35 -9.16
N HIS B 70 -2.19 -12.07 -9.39
CA HIS B 70 -2.69 -11.60 -10.69
C HIS B 70 -1.90 -10.42 -11.22
N GLY B 71 -0.71 -10.18 -10.65
CA GLY B 71 0.23 -9.24 -11.23
C GLY B 71 0.68 -8.06 -10.40
N ASP B 72 0.20 -7.96 -9.16
CA ASP B 72 0.54 -6.80 -8.33
C ASP B 72 1.01 -7.16 -6.93
N PHE B 73 1.16 -8.44 -6.65
CA PHE B 73 1.58 -8.91 -5.31
C PHE B 73 0.63 -8.49 -4.19
N TYR B 74 -0.61 -8.23 -4.56
CA TYR B 74 -1.74 -8.18 -3.62
C TYR B 74 -2.68 -9.35 -3.99
N PRO B 75 -2.26 -10.59 -3.70
CA PRO B 75 -3.04 -11.69 -4.24
C PRO B 75 -4.43 -11.80 -3.65
N PHE B 76 -5.38 -12.24 -4.46
CA PHE B 76 -6.69 -12.61 -3.95
C PHE B 76 -6.60 -13.99 -3.32
N ASP B 77 -7.71 -14.43 -2.74
CA ASP B 77 -7.70 -15.48 -1.73
C ASP B 77 -8.75 -16.55 -1.95
N GLY B 78 -9.24 -16.68 -3.18
CA GLY B 78 -10.29 -17.64 -3.46
C GLY B 78 -11.64 -17.10 -3.03
N PRO B 79 -12.67 -17.96 -3.00
CA PRO B 79 -14.00 -17.47 -2.63
C PRO B 79 -14.06 -16.85 -1.24
N SER B 80 -14.87 -15.79 -1.12
CA SER B 80 -15.04 -15.00 0.10
C SER B 80 -13.77 -14.25 0.51
N GLY B 81 -13.71 -13.75 1.74
CA GLY B 81 -12.60 -12.91 2.18
C GLY B 81 -12.54 -11.64 1.36
N LEU B 82 -11.37 -11.39 0.76
CA LEU B 82 -11.18 -10.23 -0.11
C LEU B 82 -12.06 -10.35 -1.36
N LEU B 83 -12.73 -9.27 -1.72
CA LEU B 83 -13.61 -9.31 -2.90
C LEU B 83 -13.02 -8.59 -4.09
N ALA B 84 -12.22 -7.58 -3.83
CA ALA B 84 -11.75 -6.63 -4.84
C ALA B 84 -10.76 -5.73 -4.17
N HIS B 85 -10.01 -4.96 -4.96
CA HIS B 85 -9.27 -3.82 -4.42
C HIS B 85 -9.07 -2.78 -5.49
N ALA B 86 -8.94 -1.54 -5.04
CA ALA B 86 -8.71 -0.43 -5.93
C ALA B 86 -7.61 0.45 -5.38
N PHE B 87 -6.87 1.07 -6.28
CA PHE B 87 -5.75 1.94 -5.90
C PHE B 87 -6.21 3.39 -5.88
N PRO B 88 -5.70 4.20 -4.93
CA PRO B 88 -6.05 5.62 -4.87
C PRO B 88 -5.57 6.39 -6.09
N PRO B 89 -6.03 7.65 -6.25
CA PRO B 89 -5.65 8.44 -7.41
C PRO B 89 -4.15 8.53 -7.63
N GLY B 90 -3.75 8.53 -8.89
CA GLY B 90 -2.34 8.68 -9.23
C GLY B 90 -2.03 8.02 -10.55
N PRO B 91 -0.78 8.16 -11.02
CA PRO B 91 -0.36 7.50 -12.24
C PRO B 91 -0.23 5.98 -12.10
N ASN B 92 -0.05 5.32 -13.24
CA ASN B 92 0.11 3.86 -13.33
C ASN B 92 -0.99 3.07 -12.60
N TYR B 93 -0.64 2.35 -11.56
CA TYR B 93 -1.65 1.59 -10.79
C TYR B 93 -2.74 2.48 -10.21
N GLY B 94 -2.44 3.75 -9.97
CA GLY B 94 -3.40 4.67 -9.38
C GLY B 94 -4.74 4.59 -10.08
N GLY B 95 -5.82 4.54 -9.30
CA GLY B 95 -7.16 4.42 -9.84
C GLY B 95 -7.64 3.05 -10.25
N ASP B 96 -6.72 2.12 -10.51
CA ASP B 96 -7.11 0.84 -11.12
C ASP B 96 -7.94 0.03 -10.13
N ALA B 97 -8.81 -0.82 -10.66
CA ALA B 97 -9.72 -1.62 -9.85
C ALA B 97 -9.69 -3.07 -10.32
N HIS B 98 -9.45 -3.98 -9.38
CA HIS B 98 -9.37 -5.42 -9.62
C HIS B 98 -10.44 -6.14 -8.83
N PHE B 99 -11.12 -7.06 -9.48
CA PHE B 99 -12.23 -7.82 -8.87
C PHE B 99 -11.84 -9.27 -8.83
N ASP B 100 -12.05 -9.90 -7.67
CA ASP B 100 -11.68 -11.30 -7.47
C ASP B 100 -12.68 -12.19 -8.18
N ASP B 101 -12.22 -12.88 -9.22
CA ASP B 101 -13.13 -13.70 -10.00
C ASP B 101 -13.33 -15.08 -9.42
N ASP B 102 -12.90 -15.30 -8.18
CA ASP B 102 -13.36 -16.44 -7.37
C ASP B 102 -14.60 -16.09 -6.53
N GLU B 103 -15.06 -14.83 -6.62
CA GLU B 103 -16.41 -14.49 -6.14
C GLU B 103 -17.41 -14.68 -7.26
N THR B 104 -18.68 -14.79 -6.91
CA THR B 104 -19.75 -14.80 -7.91
C THR B 104 -20.33 -13.39 -8.02
N TRP B 105 -20.17 -12.79 -9.19
CA TRP B 105 -20.65 -11.44 -9.48
C TRP B 105 -21.99 -11.50 -10.18
N THR B 106 -22.87 -10.59 -9.83
CA THR B 106 -24.22 -10.64 -10.36
C THR B 106 -24.77 -9.26 -10.71
N SER B 107 -25.71 -9.28 -11.65
CA SER B 107 -26.50 -8.09 -11.98
CA SER B 107 -26.50 -8.09 -11.98
C SER B 107 -27.60 -7.84 -10.96
N SER B 108 -27.87 -8.84 -10.11
CA SER B 108 -28.93 -8.71 -9.12
C SER B 108 -28.41 -9.08 -7.74
N SER B 109 -28.96 -10.14 -7.14
CA SER B 109 -28.67 -10.48 -5.75
C SER B 109 -28.02 -11.83 -5.53
N LYS B 110 -27.91 -12.67 -6.57
CA LYS B 110 -27.35 -14.00 -6.38
CA LYS B 110 -27.35 -14.01 -6.44
C LYS B 110 -25.82 -13.97 -6.46
N GLY B 111 -25.22 -13.54 -5.35
CA GLY B 111 -23.76 -13.30 -5.24
C GLY B 111 -23.55 -11.87 -4.84
N TYR B 112 -22.42 -11.30 -5.23
CA TYR B 112 -22.13 -9.90 -4.97
C TYR B 112 -22.54 -9.05 -6.16
N ASN B 113 -23.41 -8.07 -5.92
CA ASN B 113 -23.83 -7.16 -6.98
C ASN B 113 -22.62 -6.34 -7.46
N LEU B 114 -22.25 -6.54 -8.73
CA LEU B 114 -21.09 -5.89 -9.31
C LEU B 114 -21.20 -4.38 -9.29
N PHE B 115 -22.37 -3.86 -9.65
CA PHE B 115 -22.57 -2.42 -9.60
C PHE B 115 -22.23 -1.82 -8.22
N LEU B 116 -22.78 -2.40 -7.16
CA LEU B 116 -22.56 -1.85 -5.82
C LEU B 116 -21.10 -1.93 -5.39
N VAL B 117 -20.50 -3.09 -5.59
CA VAL B 117 -19.10 -3.25 -5.19
C VAL B 117 -18.20 -2.33 -6.04
N ALA B 118 -18.46 -2.24 -7.36
CA ALA B 118 -17.70 -1.32 -8.20
C ALA B 118 -17.88 0.12 -7.76
N ALA B 119 -19.10 0.53 -7.40
CA ALA B 119 -19.30 1.91 -6.99
C ALA B 119 -18.46 2.22 -5.76
N HIS B 120 -18.43 1.30 -4.79
CA HIS B 120 -17.57 1.41 -3.62
C HIS B 120 -16.09 1.50 -4.02
N GLU B 121 -15.65 0.57 -4.88
CA GLU B 121 -14.24 0.57 -5.31
C GLU B 121 -13.86 1.87 -6.01
N PHE B 122 -14.75 2.40 -6.85
CA PHE B 122 -14.45 3.64 -7.56
C PHE B 122 -14.38 4.82 -6.60
N GLY B 123 -15.08 4.75 -5.47
CA GLY B 123 -14.87 5.74 -4.42
C GLY B 123 -13.41 5.79 -4.03
N HIS B 124 -12.80 4.62 -3.83
CA HIS B 124 -11.37 4.56 -3.53
C HIS B 124 -10.52 5.09 -4.70
N SER B 125 -10.86 4.67 -5.92
CA SER B 125 -10.15 5.17 -7.11
C SER B 125 -10.14 6.69 -7.19
N LEU B 126 -11.15 7.32 -6.60
CA LEU B 126 -11.31 8.78 -6.69
C LEU B 126 -10.76 9.53 -5.47
N GLY B 127 -10.37 8.79 -4.45
CA GLY B 127 -9.73 9.40 -3.27
C GLY B 127 -10.45 9.26 -1.94
N LEU B 128 -11.52 8.48 -1.88
CA LEU B 128 -12.22 8.24 -0.60
C LEU B 128 -11.72 6.99 0.08
N ASP B 129 -11.49 7.11 1.39
CA ASP B 129 -11.22 5.97 2.26
C ASP B 129 -12.57 5.49 2.82
N HIS B 130 -12.52 4.56 3.76
CA HIS B 130 -13.73 4.04 4.37
C HIS B 130 -14.42 5.03 5.28
N SER B 131 -15.74 5.02 5.25
CA SER B 131 -16.57 5.78 6.15
C SER B 131 -16.85 4.98 7.40
N LYS B 132 -17.07 5.70 8.51
CA LYS B 132 -17.53 5.07 9.74
C LYS B 132 -19.06 5.03 9.86
N ASP B 133 -19.75 5.66 8.90
CA ASP B 133 -21.21 5.69 8.87
C ASP B 133 -21.72 4.40 8.24
N PRO B 134 -22.44 3.56 9.02
CA PRO B 134 -22.89 2.27 8.49
C PRO B 134 -23.85 2.36 7.29
N GLY B 135 -24.43 3.54 7.06
CA GLY B 135 -25.31 3.76 5.92
C GLY B 135 -24.60 4.24 4.65
N ALA B 136 -23.30 4.49 4.76
CA ALA B 136 -22.53 5.02 3.61
C ALA B 136 -22.15 3.93 2.62
N LEU B 137 -22.10 4.30 1.34
CA LEU B 137 -21.54 3.40 0.32
C LEU B 137 -20.10 3.03 0.67
N MET B 138 -19.36 3.98 1.24
CA MET B 138 -17.97 3.73 1.59
C MET B 138 -17.75 2.98 2.91
N PHE B 139 -18.84 2.55 3.55
CA PHE B 139 -18.71 1.69 4.73
C PHE B 139 -18.20 0.32 4.26
N PRO B 140 -17.22 -0.27 4.98
CA PRO B 140 -16.56 -1.49 4.51
C PRO B 140 -17.26 -2.84 4.80
N ILE B 141 -18.58 -2.87 4.68
CA ILE B 141 -19.35 -4.12 4.66
C ILE B 141 -20.34 -4.07 3.51
N TYR B 142 -20.37 -5.13 2.71
CA TYR B 142 -21.36 -5.26 1.64
C TYR B 142 -22.77 -5.51 2.17
N THR B 143 -23.72 -4.72 1.67
CA THR B 143 -25.15 -5.03 1.82
C THR B 143 -25.89 -4.76 0.51
N TYR B 144 -27.02 -5.45 0.34
CA TYR B 144 -27.94 -5.34 -0.81
C TYR B 144 -29.40 -4.95 -0.39
N THR B 145 -29.97 -3.87 -0.93
CA THR B 145 -31.31 -3.42 -0.50
C THR B 145 -32.48 -4.16 -1.13
N GLY B 146 -32.30 -4.64 -2.36
CA GLY B 146 -33.38 -5.25 -3.14
C GLY B 146 -34.16 -4.24 -3.97
N LYS B 147 -33.81 -2.96 -3.81
CA LYS B 147 -34.51 -1.88 -4.50
C LYS B 147 -33.98 -1.69 -5.91
N SER B 148 -34.86 -1.34 -6.83
CA SER B 148 -34.48 -1.14 -8.24
C SER B 148 -33.79 0.19 -8.51
N HIS B 149 -33.84 1.11 -7.53
CA HIS B 149 -33.19 2.43 -7.64
C HIS B 149 -32.13 2.61 -6.55
N PHE B 150 -30.99 3.20 -6.94
CA PHE B 150 -29.90 3.52 -6.02
C PHE B 150 -29.75 5.03 -5.82
N MET B 151 -29.56 5.44 -4.56
CA MET B 151 -29.33 6.85 -4.22
C MET B 151 -28.07 6.97 -3.37
N LEU B 152 -27.09 7.73 -3.86
CA LEU B 152 -25.84 7.89 -3.13
C LEU B 152 -26.12 8.55 -1.77
N PRO B 153 -25.76 7.86 -0.66
CA PRO B 153 -25.99 8.44 0.65
C PRO B 153 -25.29 9.79 0.87
N ASP B 154 -25.85 10.60 1.73
CA ASP B 154 -25.33 11.94 1.96
C ASP B 154 -23.87 11.96 2.42
N ASP B 155 -23.47 10.97 3.22
CA ASP B 155 -22.10 10.93 3.71
C ASP B 155 -21.10 10.85 2.55
N ASP B 156 -21.44 10.03 1.56
CA ASP B 156 -20.59 9.85 0.39
C ASP B 156 -20.61 11.08 -0.52
N VAL B 157 -21.78 11.72 -0.64
CA VAL B 157 -21.86 12.95 -1.40
C VAL B 157 -20.97 14.01 -0.76
N GLN B 158 -21.06 14.15 0.56
CA GLN B 158 -20.22 15.13 1.25
C GLN B 158 -18.74 14.82 1.08
N GLY B 159 -18.38 13.54 1.16
CA GLY B 159 -16.99 13.13 1.03
C GLY B 159 -16.40 13.45 -0.34
N ILE B 160 -17.11 13.03 -1.39
CA ILE B 160 -16.60 13.23 -2.73
C ILE B 160 -16.57 14.71 -3.11
N GLN B 161 -17.58 15.45 -2.66
CA GLN B 161 -17.60 16.88 -2.92
C GLN B 161 -16.53 17.62 -2.13
N SER B 162 -16.08 17.08 -1.00
CA SER B 162 -14.99 17.73 -0.25
C SER B 162 -13.71 17.74 -1.08
N LEU B 163 -13.60 16.81 -2.03
CA LEU B 163 -12.45 16.74 -2.92
C LEU B 163 -12.65 17.50 -4.22
N TYR B 164 -13.82 17.34 -4.85
CA TYR B 164 -14.02 17.79 -6.22
C TYR B 164 -15.05 18.91 -6.38
N GLY B 165 -15.77 19.19 -5.29
CA GLY B 165 -16.90 20.12 -5.34
C GLY B 165 -18.10 19.49 -6.04
N PRO B 166 -19.22 20.22 -6.09
CA PRO B 166 -20.43 19.72 -6.76
C PRO B 166 -20.34 19.81 -8.28
#